data_1GKX
#
_entry.id   1GKX
#
_cell.length_a   129.370
_cell.length_b   129.370
_cell.length_c   73.350
_cell.angle_alpha   90.00
_cell.angle_beta   90.00
_cell.angle_gamma   90.00
#
_symmetry.space_group_name_H-M   'P 42 21 2'
#
loop_
_entity.id
_entity.type
_entity.pdbx_description
1 polymer '[3-METHYL-2-OXOBUTANOATE DEHYDROGENASE [LIPOAMIDE]] KINASE'
2 non-polymer 'CHLORIDE ION'
3 water water
#
_entity_poly.entity_id   1
_entity_poly.type   'polypeptide(L)'
_entity_poly.pdbx_seq_one_letter_code
;STSATDTHHVELARERSKTVTSFYNQSAIDVVAEKPSVRLTPTMMLYSGRSQDGSHLLKSGRYLQQELPVRIAHRIKGFR
SLPFIIGCNPTILHVHELYIRAFQKLTDFPPIKDQADEAQYCQLVRQLLDDHKDVVTLLAEGLRESRKHIEDEKLVRYFL
DKTLTSRLGIRMLATHHLALHEDKPDFVGIICTRLSPKKIIEKWVDFARRLCEHKYGNAPRVRINGHVAARFPFIPMPLD
YILPELLKNAMRATMESHLDTPYNVPDVVITIANNDVDLIIRISDRGGGIAHKDLDRVMDYHFTTAEASTQDPRISPLFG
HLDMHSGGQSGPMHGFGFGLPTSRAYAEYLGGSLQLQSLQGIGTDVYLRLRHIDGREESFRIHHHHHH
;
_entity_poly.pdbx_strand_id   A
#
# COMPACT_ATOMS: atom_id res chain seq x y z
N VAL A 38 2.41 16.96 -12.18
CA VAL A 38 2.05 16.08 -13.32
C VAL A 38 2.91 14.82 -13.35
N ARG A 39 3.11 14.23 -12.18
CA ARG A 39 3.92 13.02 -12.03
C ARG A 39 3.21 11.81 -12.66
N LEU A 40 3.92 10.68 -12.79
CA LEU A 40 3.33 9.48 -13.37
C LEU A 40 3.50 8.20 -12.55
N THR A 41 2.83 7.15 -12.97
CA THR A 41 2.83 5.87 -12.33
C THR A 41 2.24 4.82 -13.31
N PRO A 42 1.29 3.91 -12.88
CA PRO A 42 0.92 2.84 -13.89
C PRO A 42 -0.25 3.39 -14.64
N THR A 43 -0.03 4.10 -15.66
CA THR A 43 -1.09 4.86 -16.27
C THR A 43 -1.72 5.72 -15.20
N MET A 44 -1.26 5.75 -13.98
CA MET A 44 -2.00 6.76 -13.30
C MET A 44 -1.17 8.03 -13.36
N MET A 45 -1.83 9.17 -13.39
CA MET A 45 -1.15 10.47 -13.44
C MET A 45 -1.66 11.40 -12.37
N LEU A 46 -0.74 11.93 -11.57
CA LEU A 46 -1.09 12.87 -10.52
C LEU A 46 -0.78 14.28 -11.03
N TYR A 47 -1.78 15.14 -11.00
CA TYR A 47 -1.61 16.50 -11.48
C TYR A 47 -1.08 17.51 -10.48
N SER A 48 -0.33 18.48 -11.00
CA SER A 48 0.27 19.56 -10.22
C SER A 48 0.15 20.78 -11.13
N GLY A 49 -0.71 21.73 -10.76
CA GLY A 49 -0.87 22.89 -11.63
C GLY A 49 -1.18 24.25 -11.06
N ARG A 50 -1.37 25.18 -11.99
CA ARG A 50 -1.67 26.58 -11.71
C ARG A 50 -2.98 26.77 -10.93
N SER A 51 -2.86 27.03 -9.64
CA SER A 51 -4.05 27.26 -8.81
C SER A 51 -4.59 28.65 -9.13
N GLN A 52 -4.80 29.47 -8.11
CA GLN A 52 -5.29 30.83 -8.29
C GLN A 52 -6.73 30.84 -8.84
N ASP A 53 -6.85 30.51 -10.12
CA ASP A 53 -8.15 30.47 -10.79
C ASP A 53 -8.96 29.26 -10.31
N GLY A 54 -8.25 28.22 -9.87
CA GLY A 54 -8.91 27.01 -9.41
C GLY A 54 -9.21 26.18 -10.64
N SER A 55 -8.57 26.53 -11.74
CA SER A 55 -8.74 25.84 -13.02
C SER A 55 -8.12 24.45 -13.00
N HIS A 56 -7.05 24.30 -12.23
CA HIS A 56 -6.33 23.02 -12.12
C HIS A 56 -7.19 21.94 -11.48
N LEU A 57 -8.14 22.36 -10.64
CA LEU A 57 -9.02 21.42 -9.96
C LEU A 57 -10.06 20.78 -10.87
N LEU A 58 -10.39 21.45 -11.97
CA LEU A 58 -11.37 20.91 -12.90
C LEU A 58 -10.72 19.98 -13.90
N LYS A 59 -9.49 20.29 -14.30
CA LYS A 59 -8.77 19.45 -15.24
C LYS A 59 -8.43 18.13 -14.55
N SER A 60 -8.23 18.21 -13.23
CA SER A 60 -7.90 17.02 -12.45
C SER A 60 -9.18 16.23 -12.20
N GLY A 61 -10.23 16.92 -11.76
CA GLY A 61 -11.51 16.28 -11.50
C GLY A 61 -12.07 15.58 -12.73
N ARG A 62 -12.03 16.24 -13.87
CA ARG A 62 -12.56 15.63 -15.09
C ARG A 62 -11.77 14.36 -15.43
N TYR A 63 -10.50 14.34 -15.04
CA TYR A 63 -9.65 13.17 -15.30
C TYR A 63 -10.04 12.07 -14.31
N LEU A 64 -10.17 12.43 -13.05
CA LEU A 64 -10.56 11.48 -12.02
C LEU A 64 -11.92 10.86 -12.37
N GLN A 65 -12.80 11.69 -12.92
CA GLN A 65 -14.14 11.25 -13.29
C GLN A 65 -14.12 10.24 -14.45
N GLN A 66 -13.15 10.37 -15.35
CA GLN A 66 -13.03 9.45 -16.47
C GLN A 66 -12.41 8.13 -16.00
N GLU A 67 -11.36 8.25 -15.19
CA GLU A 67 -10.60 7.12 -14.69
C GLU A 67 -11.27 6.15 -13.70
N LEU A 68 -11.91 6.68 -12.65
CA LEU A 68 -12.54 5.82 -11.66
C LEU A 68 -13.51 4.76 -12.18
N PRO A 69 -14.41 5.12 -13.10
CA PRO A 69 -15.37 4.16 -13.65
C PRO A 69 -14.67 2.98 -14.34
N VAL A 70 -13.65 3.31 -15.14
CA VAL A 70 -12.90 2.29 -15.86
C VAL A 70 -12.20 1.33 -14.89
N ARG A 71 -11.58 1.87 -13.84
CA ARG A 71 -10.90 1.01 -12.88
C ARG A 71 -11.90 0.20 -12.07
N ILE A 72 -13.05 0.79 -11.74
CA ILE A 72 -14.05 0.05 -11.00
C ILE A 72 -14.58 -1.06 -11.91
N ALA A 73 -14.74 -0.76 -13.19
CA ALA A 73 -15.25 -1.75 -14.14
C ALA A 73 -14.34 -2.95 -14.27
N HIS A 74 -13.03 -2.70 -14.36
CA HIS A 74 -12.07 -3.79 -14.48
C HIS A 74 -12.17 -4.73 -13.30
N ARG A 75 -12.42 -4.17 -12.12
CA ARG A 75 -12.53 -5.00 -10.95
C ARG A 75 -13.80 -5.84 -11.01
N ILE A 76 -14.89 -5.25 -11.51
CA ILE A 76 -16.15 -5.97 -11.62
C ILE A 76 -15.93 -7.19 -12.52
N LYS A 77 -15.25 -7.00 -13.65
CA LYS A 77 -14.95 -8.12 -14.55
C LYS A 77 -14.21 -9.16 -13.72
N GLY A 78 -13.32 -8.69 -12.86
CA GLY A 78 -12.55 -9.57 -12.01
C GLY A 78 -13.46 -10.50 -11.21
N PHE A 79 -14.48 -9.93 -10.58
CA PHE A 79 -15.42 -10.73 -9.81
C PHE A 79 -16.24 -11.67 -10.70
N ARG A 80 -16.53 -11.25 -11.93
CA ARG A 80 -17.29 -12.10 -12.85
C ARG A 80 -16.52 -13.32 -13.35
N SER A 81 -15.19 -13.23 -13.37
CA SER A 81 -14.38 -14.34 -13.85
C SER A 81 -13.93 -15.28 -12.74
N LEU A 82 -14.27 -14.93 -11.51
CA LEU A 82 -13.93 -15.76 -10.35
C LEU A 82 -14.67 -17.10 -10.50
N PRO A 83 -14.08 -18.20 -10.00
CA PRO A 83 -14.76 -19.49 -10.11
C PRO A 83 -16.14 -19.40 -9.43
N PHE A 84 -17.18 -19.87 -10.11
CA PHE A 84 -18.53 -19.80 -9.57
C PHE A 84 -18.66 -20.12 -8.08
N ILE A 85 -18.10 -21.26 -7.67
CA ILE A 85 -18.18 -21.68 -6.27
C ILE A 85 -17.68 -20.58 -5.31
N ILE A 86 -16.54 -19.98 -5.63
CA ILE A 86 -15.95 -18.90 -4.84
C ILE A 86 -16.82 -17.63 -4.89
N GLY A 87 -17.13 -17.16 -6.11
CA GLY A 87 -17.95 -15.97 -6.27
C GLY A 87 -19.35 -16.08 -5.68
N CYS A 88 -19.74 -17.28 -5.26
CA CYS A 88 -21.06 -17.51 -4.68
C CYS A 88 -21.11 -17.26 -3.19
N ASN A 89 -19.95 -17.30 -2.55
CA ASN A 89 -19.85 -17.05 -1.13
C ASN A 89 -20.58 -15.74 -0.83
N PRO A 90 -21.47 -15.75 0.18
CA PRO A 90 -22.24 -14.56 0.56
C PRO A 90 -21.41 -13.30 0.77
N THR A 91 -20.29 -13.45 1.49
CA THR A 91 -19.44 -12.31 1.75
C THR A 91 -18.83 -11.80 0.45
N ILE A 92 -18.15 -12.68 -0.29
CA ILE A 92 -17.55 -12.27 -1.57
C ILE A 92 -18.63 -11.60 -2.43
N LEU A 93 -19.82 -12.21 -2.44
CA LEU A 93 -20.92 -11.66 -3.21
C LEU A 93 -21.27 -10.25 -2.73
N HIS A 94 -21.09 -9.99 -1.44
CA HIS A 94 -21.37 -8.68 -0.88
C HIS A 94 -20.37 -7.65 -1.44
N VAL A 95 -19.08 -7.98 -1.35
CA VAL A 95 -18.05 -7.08 -1.86
C VAL A 95 -18.29 -6.78 -3.34
N HIS A 96 -18.70 -7.80 -4.09
CA HIS A 96 -18.98 -7.66 -5.52
C HIS A 96 -20.08 -6.61 -5.72
N GLU A 97 -21.10 -6.64 -4.86
CA GLU A 97 -22.19 -5.69 -4.96
C GLU A 97 -21.72 -4.27 -4.65
N LEU A 98 -20.72 -4.14 -3.78
CA LEU A 98 -20.19 -2.82 -3.45
C LEU A 98 -19.55 -2.22 -4.69
N TYR A 99 -18.79 -3.03 -5.43
CA TYR A 99 -18.18 -2.51 -6.64
C TYR A 99 -19.24 -2.12 -7.67
N ILE A 100 -20.31 -2.90 -7.75
CA ILE A 100 -21.37 -2.58 -8.71
C ILE A 100 -22.05 -1.27 -8.33
N ARG A 101 -22.38 -1.11 -7.05
CA ARG A 101 -23.03 0.13 -6.62
C ARG A 101 -22.11 1.35 -6.75
N ALA A 102 -20.81 1.13 -6.58
CA ALA A 102 -19.84 2.21 -6.72
C ALA A 102 -19.83 2.65 -8.18
N PHE A 103 -19.83 1.68 -9.08
CA PHE A 103 -19.80 1.97 -10.50
C PHE A 103 -21.06 2.75 -10.89
N GLN A 104 -22.20 2.37 -10.33
CA GLN A 104 -23.45 3.05 -10.63
C GLN A 104 -23.39 4.51 -10.21
N LYS A 105 -23.06 4.76 -8.94
CA LYS A 105 -22.98 6.13 -8.44
C LYS A 105 -22.04 6.98 -9.27
N LEU A 106 -20.91 6.42 -9.67
CA LEU A 106 -19.93 7.15 -10.46
C LEU A 106 -20.42 7.44 -11.87
N THR A 107 -21.12 6.47 -12.45
CA THR A 107 -21.65 6.60 -13.80
C THR A 107 -22.83 7.57 -13.82
N ASP A 108 -23.53 7.66 -12.69
CA ASP A 108 -24.69 8.54 -12.58
C ASP A 108 -24.30 10.01 -12.44
N PHE A 109 -23.14 10.28 -11.87
CA PHE A 109 -22.72 11.67 -11.70
C PHE A 109 -22.52 12.31 -13.06
N PRO A 110 -23.09 13.52 -13.25
CA PRO A 110 -22.96 14.22 -14.53
C PRO A 110 -21.56 14.78 -14.75
N PRO A 111 -21.18 15.01 -16.01
CA PRO A 111 -19.85 15.54 -16.29
C PRO A 111 -19.59 16.83 -15.51
N ILE A 112 -18.39 16.96 -14.97
CA ILE A 112 -18.03 18.14 -14.21
C ILE A 112 -17.89 19.32 -15.16
N LYS A 113 -18.68 20.36 -14.93
CA LYS A 113 -18.64 21.54 -15.78
C LYS A 113 -18.08 22.78 -15.09
N ASP A 114 -18.32 22.88 -13.78
CA ASP A 114 -17.83 24.01 -13.01
C ASP A 114 -17.30 23.56 -11.67
N GLN A 115 -16.75 24.50 -10.90
CA GLN A 115 -16.21 24.20 -9.59
C GLN A 115 -17.30 23.69 -8.67
N ALA A 116 -18.55 24.00 -9.01
CA ALA A 116 -19.69 23.56 -8.21
C ALA A 116 -19.85 22.04 -8.28
N ASP A 117 -19.70 21.49 -9.47
CA ASP A 117 -19.83 20.04 -9.67
C ASP A 117 -18.63 19.34 -9.03
N GLU A 118 -17.44 19.88 -9.31
CA GLU A 118 -16.19 19.34 -8.79
C GLU A 118 -16.31 19.15 -7.29
N ALA A 119 -16.82 20.15 -6.59
CA ALA A 119 -16.97 20.04 -5.16
C ALA A 119 -17.86 18.87 -4.74
N GLN A 120 -18.99 18.69 -5.43
CA GLN A 120 -19.90 17.60 -5.10
C GLN A 120 -19.26 16.25 -5.42
N TYR A 121 -18.57 16.18 -6.54
CA TYR A 121 -17.89 14.97 -6.95
C TYR A 121 -16.91 14.53 -5.85
N CYS A 122 -16.29 15.49 -5.16
CA CYS A 122 -15.34 15.16 -4.09
C CYS A 122 -16.08 14.50 -2.97
N GLN A 123 -17.35 14.86 -2.80
CA GLN A 123 -18.16 14.27 -1.75
C GLN A 123 -18.50 12.82 -2.10
N LEU A 124 -18.72 12.56 -3.40
CA LEU A 124 -19.04 11.20 -3.85
C LEU A 124 -17.82 10.34 -3.54
N VAL A 125 -16.68 10.75 -4.09
CA VAL A 125 -15.44 10.04 -3.88
C VAL A 125 -15.18 9.74 -2.41
N ARG A 126 -15.42 10.70 -1.54
CA ARG A 126 -15.19 10.47 -0.11
C ARG A 126 -16.15 9.42 0.43
N GLN A 127 -17.38 9.38 -0.10
CA GLN A 127 -18.34 8.40 0.37
C GLN A 127 -17.88 7.01 -0.06
N LEU A 128 -17.36 6.91 -1.27
CA LEU A 128 -16.87 5.62 -1.79
C LEU A 128 -15.71 5.07 -0.97
N LEU A 129 -14.66 5.87 -0.77
CA LEU A 129 -13.52 5.42 0.01
C LEU A 129 -13.99 4.91 1.38
N ASP A 130 -15.01 5.55 1.93
CA ASP A 130 -15.53 5.14 3.23
C ASP A 130 -16.35 3.86 3.16
N ASP A 131 -17.14 3.73 2.09
CA ASP A 131 -17.97 2.55 1.89
C ASP A 131 -17.14 1.30 1.64
N HIS A 132 -15.95 1.48 1.07
CA HIS A 132 -15.06 0.37 0.77
C HIS A 132 -13.90 0.25 1.73
N LYS A 133 -14.06 0.82 2.93
CA LYS A 133 -13.00 0.77 3.93
C LYS A 133 -12.72 -0.64 4.44
N ASP A 134 -13.76 -1.49 4.46
CA ASP A 134 -13.58 -2.84 4.94
C ASP A 134 -13.60 -3.92 3.85
N VAL A 135 -13.39 -3.51 2.60
CA VAL A 135 -13.39 -4.46 1.50
C VAL A 135 -12.39 -5.60 1.73
N VAL A 136 -11.13 -5.26 1.99
CA VAL A 136 -10.11 -6.29 2.22
C VAL A 136 -10.45 -7.25 3.36
N THR A 137 -10.98 -6.71 4.46
CA THR A 137 -11.34 -7.57 5.58
C THR A 137 -12.45 -8.52 5.15
N LEU A 138 -13.41 -7.99 4.38
CA LEU A 138 -14.52 -8.82 3.91
C LEU A 138 -14.03 -9.92 2.97
N LEU A 139 -13.10 -9.59 2.08
CA LEU A 139 -12.56 -10.57 1.14
C LEU A 139 -11.88 -11.72 1.88
N ALA A 140 -10.95 -11.38 2.78
CA ALA A 140 -10.24 -12.39 3.56
C ALA A 140 -11.26 -13.34 4.14
N GLU A 141 -12.24 -12.80 4.85
CA GLU A 141 -13.28 -13.62 5.45
C GLU A 141 -13.94 -14.50 4.39
N GLY A 142 -14.26 -13.90 3.25
CA GLY A 142 -14.89 -14.64 2.17
C GLY A 142 -14.04 -15.74 1.58
N LEU A 143 -12.76 -15.44 1.34
CA LEU A 143 -11.86 -16.42 0.76
C LEU A 143 -11.51 -17.52 1.75
N ARG A 144 -11.42 -17.16 3.03
CA ARG A 144 -11.10 -18.13 4.06
C ARG A 144 -12.18 -19.20 4.08
N GLU A 145 -13.44 -18.78 3.98
CA GLU A 145 -14.56 -19.70 4.00
C GLU A 145 -14.57 -20.57 2.75
N SER A 146 -14.00 -20.05 1.67
CA SER A 146 -13.96 -20.78 0.40
C SER A 146 -12.63 -21.50 0.20
N ARG A 147 -11.92 -21.72 1.30
CA ARG A 147 -10.62 -22.38 1.25
C ARG A 147 -10.74 -23.85 0.80
N LYS A 148 -11.78 -24.52 1.30
CA LYS A 148 -11.99 -25.92 0.96
C LYS A 148 -12.18 -26.11 -0.55
N HIS A 149 -12.84 -25.15 -1.18
CA HIS A 149 -13.13 -25.23 -2.60
C HIS A 149 -12.01 -24.70 -3.49
N ILE A 150 -11.01 -24.07 -2.89
CA ILE A 150 -9.89 -23.53 -3.66
C ILE A 150 -9.17 -24.65 -4.40
N GLU A 151 -9.39 -24.73 -5.71
CA GLU A 151 -8.76 -25.75 -6.53
C GLU A 151 -7.41 -25.23 -7.04
N ASP A 152 -7.46 -24.09 -7.73
CA ASP A 152 -6.25 -23.48 -8.28
C ASP A 152 -5.65 -22.55 -7.22
N GLU A 153 -4.37 -22.76 -6.89
CA GLU A 153 -3.70 -21.95 -5.88
C GLU A 153 -3.35 -20.54 -6.37
N LYS A 154 -3.02 -20.43 -7.65
CA LYS A 154 -2.66 -19.16 -8.25
C LYS A 154 -3.84 -18.20 -8.37
N LEU A 155 -4.94 -18.67 -8.98
CA LEU A 155 -6.12 -17.85 -9.18
C LEU A 155 -6.86 -17.55 -7.87
N VAL A 156 -6.19 -16.78 -7.02
CA VAL A 156 -6.69 -16.34 -5.72
C VAL A 156 -5.61 -15.39 -5.24
N ARG A 157 -4.37 -15.82 -5.43
CA ARG A 157 -3.21 -15.01 -5.08
C ARG A 157 -3.25 -13.86 -6.08
N TYR A 158 -3.61 -14.18 -7.32
CA TYR A 158 -3.71 -13.19 -8.37
C TYR A 158 -4.94 -12.30 -8.21
N PHE A 159 -6.04 -12.88 -7.75
CA PHE A 159 -7.25 -12.11 -7.54
C PHE A 159 -7.04 -11.10 -6.41
N LEU A 160 -6.35 -11.52 -5.35
CA LEU A 160 -6.07 -10.63 -4.23
C LEU A 160 -5.02 -9.57 -4.61
N ASP A 161 -4.09 -9.94 -5.48
CA ASP A 161 -3.08 -9.00 -5.94
C ASP A 161 -3.78 -7.88 -6.70
N LYS A 162 -4.51 -8.27 -7.73
CA LYS A 162 -5.24 -7.35 -8.58
C LYS A 162 -6.24 -6.49 -7.81
N THR A 163 -6.90 -7.08 -6.82
CA THR A 163 -7.87 -6.33 -6.02
C THR A 163 -7.22 -5.31 -5.11
N LEU A 164 -6.16 -5.74 -4.43
CA LEU A 164 -5.46 -4.84 -3.51
C LEU A 164 -4.71 -3.71 -4.22
N THR A 165 -4.08 -4.02 -5.35
CA THR A 165 -3.36 -2.99 -6.06
C THR A 165 -4.31 -1.96 -6.72
N SER A 166 -5.28 -2.42 -7.50
CA SER A 166 -6.21 -1.51 -8.15
C SER A 166 -6.80 -0.59 -7.08
N ARG A 167 -7.04 -1.17 -5.91
CA ARG A 167 -7.58 -0.45 -4.78
C ARG A 167 -6.58 0.63 -4.28
N LEU A 168 -5.28 0.36 -4.43
CA LEU A 168 -4.24 1.32 -4.03
C LEU A 168 -4.18 2.42 -5.07
N GLY A 169 -4.19 2.01 -6.34
CA GLY A 169 -4.17 2.98 -7.42
C GLY A 169 -5.35 3.93 -7.37
N ILE A 170 -6.50 3.43 -6.96
CA ILE A 170 -7.70 4.25 -6.86
C ILE A 170 -7.60 5.18 -5.66
N ARG A 171 -7.06 4.67 -4.55
CA ARG A 171 -6.91 5.48 -3.37
C ARG A 171 -5.90 6.61 -3.62
N MET A 172 -4.86 6.31 -4.39
CA MET A 172 -3.85 7.33 -4.70
C MET A 172 -4.43 8.42 -5.61
N LEU A 173 -5.18 8.00 -6.62
CA LEU A 173 -5.81 8.94 -7.54
C LEU A 173 -6.83 9.81 -6.80
N ALA A 174 -7.70 9.15 -6.03
CA ALA A 174 -8.73 9.84 -5.27
C ALA A 174 -8.16 10.79 -4.23
N THR A 175 -7.30 10.26 -3.38
CA THR A 175 -6.68 11.02 -2.30
C THR A 175 -5.87 12.20 -2.83
N HIS A 176 -5.20 12.02 -3.95
CA HIS A 176 -4.42 13.11 -4.52
C HIS A 176 -5.31 14.28 -4.90
N HIS A 177 -6.36 13.99 -5.68
CA HIS A 177 -7.28 15.03 -6.11
C HIS A 177 -7.85 15.75 -4.91
N LEU A 178 -8.29 15.01 -3.91
CA LEU A 178 -8.86 15.61 -2.72
C LEU A 178 -7.83 16.51 -2.05
N ALA A 179 -6.58 16.03 -2.00
CA ALA A 179 -5.49 16.77 -1.37
C ALA A 179 -5.16 18.06 -2.10
N LEU A 180 -5.54 18.15 -3.37
CA LEU A 180 -5.29 19.37 -4.13
C LEU A 180 -6.11 20.53 -3.60
N HIS A 181 -7.07 20.24 -2.73
CA HIS A 181 -7.91 21.28 -2.13
C HIS A 181 -7.24 21.84 -0.88
N GLU A 182 -6.41 21.03 -0.23
CA GLU A 182 -5.70 21.47 0.96
C GLU A 182 -4.44 22.21 0.55
N ASP A 183 -3.74 22.79 1.50
CA ASP A 183 -2.52 23.53 1.19
C ASP A 183 -1.43 23.28 2.21
N LYS A 184 -1.02 22.02 2.34
CA LYS A 184 0.02 21.63 3.28
C LYS A 184 1.39 22.05 2.77
N PRO A 185 2.33 22.28 3.67
CA PRO A 185 3.67 22.68 3.24
C PRO A 185 4.47 21.45 2.76
N ASP A 186 5.10 21.61 1.60
CA ASP A 186 5.91 20.56 0.98
C ASP A 186 5.09 19.46 0.30
N PHE A 187 3.82 19.76 0.05
CA PHE A 187 2.94 18.81 -0.60
C PHE A 187 2.13 19.38 -1.75
N VAL A 188 2.17 18.67 -2.88
CA VAL A 188 1.39 19.04 -4.05
C VAL A 188 0.44 17.84 -4.14
N GLY A 189 -0.64 17.88 -3.38
CA GLY A 189 -1.59 16.77 -3.37
C GLY A 189 -1.03 15.76 -2.39
N ILE A 190 -0.78 14.53 -2.85
CA ILE A 190 -0.20 13.52 -1.97
C ILE A 190 1.30 13.38 -2.27
N ILE A 191 1.77 14.15 -3.23
CA ILE A 191 3.18 14.15 -3.60
C ILE A 191 3.97 15.07 -2.67
N CYS A 192 4.90 14.51 -1.92
CA CYS A 192 5.73 15.32 -1.03
C CYS A 192 6.87 15.81 -1.91
N THR A 193 7.11 17.12 -1.93
CA THR A 193 8.18 17.66 -2.78
C THR A 193 9.59 17.49 -2.21
N ARG A 194 9.70 17.13 -0.94
CA ARG A 194 11.02 16.94 -0.33
C ARG A 194 10.92 15.90 0.79
N LEU A 195 10.51 14.69 0.44
CA LEU A 195 10.36 13.64 1.44
C LEU A 195 11.70 13.15 1.95
N SER A 196 11.71 12.80 3.23
CA SER A 196 12.89 12.29 3.88
C SER A 196 12.66 10.84 4.27
N PRO A 197 13.27 9.90 3.55
CA PRO A 197 13.08 8.49 3.90
C PRO A 197 13.35 8.24 5.38
N LYS A 198 14.40 8.88 5.90
CA LYS A 198 14.73 8.69 7.31
C LYS A 198 13.55 9.14 8.17
N LYS A 199 13.01 10.31 7.85
CA LYS A 199 11.89 10.86 8.60
C LYS A 199 10.71 9.92 8.60
N ILE A 200 10.28 9.49 7.42
CA ILE A 200 9.13 8.59 7.36
C ILE A 200 9.44 7.24 8.02
N ILE A 201 10.66 6.74 7.84
CA ILE A 201 11.00 5.47 8.48
C ILE A 201 10.91 5.63 10.00
N GLU A 202 11.47 6.71 10.53
CA GLU A 202 11.41 6.94 11.97
C GLU A 202 9.97 6.97 12.49
N LYS A 203 9.09 7.66 11.77
CA LYS A 203 7.68 7.76 12.17
C LYS A 203 7.13 6.36 12.42
N TRP A 204 7.32 5.47 11.44
CA TRP A 204 6.82 4.11 11.57
C TRP A 204 7.59 3.24 12.56
N VAL A 205 8.85 3.60 12.83
CA VAL A 205 9.63 2.85 13.82
C VAL A 205 8.92 3.08 15.16
N ASP A 206 8.62 4.34 15.46
CA ASP A 206 7.94 4.69 16.70
C ASP A 206 6.62 3.96 16.80
N PHE A 207 5.85 4.01 15.73
CA PHE A 207 4.57 3.33 15.69
C PHE A 207 4.78 1.85 16.02
N ALA A 208 5.65 1.19 15.25
CA ALA A 208 5.91 -0.23 15.43
C ALA A 208 6.47 -0.59 16.82
N ARG A 209 7.40 0.21 17.34
CA ARG A 209 7.97 -0.08 18.64
C ARG A 209 6.92 -0.10 19.75
N ARG A 210 5.96 0.83 19.69
CA ARG A 210 4.89 0.88 20.68
C ARG A 210 4.08 -0.40 20.67
N LEU A 211 3.61 -0.81 19.49
CA LEU A 211 2.83 -2.04 19.39
C LEU A 211 3.64 -3.21 19.95
N CYS A 212 4.96 -3.17 19.71
CA CYS A 212 5.84 -4.23 20.16
C CYS A 212 5.98 -4.27 21.69
N GLU A 213 6.24 -3.12 22.30
CA GLU A 213 6.38 -3.05 23.75
C GLU A 213 5.13 -3.48 24.49
N HIS A 214 3.98 -3.05 23.98
CA HIS A 214 2.71 -3.40 24.60
C HIS A 214 2.47 -4.90 24.53
N LYS A 215 3.16 -5.56 23.61
CA LYS A 215 3.00 -6.99 23.40
C LYS A 215 4.09 -7.87 24.02
N TYR A 216 5.30 -7.33 24.17
CA TYR A 216 6.41 -8.11 24.71
C TYR A 216 7.09 -7.49 25.92
N GLY A 217 6.80 -6.22 26.19
CA GLY A 217 7.42 -5.55 27.32
C GLY A 217 8.63 -4.77 26.86
N ASN A 218 9.02 -4.97 25.61
CA ASN A 218 10.17 -4.27 25.06
C ASN A 218 10.15 -4.39 23.54
N ALA A 219 11.06 -3.67 22.90
CA ALA A 219 11.16 -3.69 21.46
C ALA A 219 12.61 -3.38 21.09
N PRO A 220 13.06 -3.88 19.93
CA PRO A 220 14.42 -3.66 19.47
C PRO A 220 14.57 -2.21 19.07
N ARG A 221 15.72 -1.63 19.34
CA ARG A 221 15.94 -0.25 18.88
C ARG A 221 16.17 -0.44 17.40
N VAL A 222 16.13 0.64 16.66
CA VAL A 222 16.34 0.57 15.23
C VAL A 222 17.40 1.56 14.86
N ARG A 223 18.45 1.11 14.20
CA ARG A 223 19.50 2.00 13.76
C ARG A 223 19.26 2.23 12.28
N ILE A 224 19.56 3.43 11.80
CA ILE A 224 19.37 3.76 10.41
C ILE A 224 20.65 4.32 9.81
N ASN A 225 21.18 3.68 8.78
CA ASN A 225 22.40 4.19 8.18
C ASN A 225 22.23 4.39 6.68
N GLY A 226 23.32 4.75 6.03
CA GLY A 226 23.28 4.99 4.60
C GLY A 226 22.98 6.46 4.33
N HIS A 227 22.20 6.72 3.28
CA HIS A 227 21.84 8.06 2.87
C HIS A 227 20.79 8.69 3.77
N VAL A 228 21.09 8.75 5.06
CA VAL A 228 20.19 9.29 6.07
C VAL A 228 19.76 10.75 5.90
N ALA A 229 20.41 11.48 5.00
CA ALA A 229 20.09 12.88 4.81
C ALA A 229 19.42 13.17 3.47
N ALA A 230 19.11 12.12 2.71
CA ALA A 230 18.49 12.32 1.41
C ALA A 230 17.09 12.94 1.52
N ARG A 231 16.71 13.67 0.49
CA ARG A 231 15.41 14.32 0.41
C ARG A 231 15.07 14.46 -1.06
N PHE A 232 13.84 14.11 -1.41
CA PHE A 232 13.43 14.17 -2.80
C PHE A 232 11.92 14.06 -2.93
N PRO A 233 11.39 14.37 -4.14
CA PRO A 233 9.94 14.29 -4.39
C PRO A 233 9.56 12.82 -4.32
N PHE A 234 8.50 12.52 -3.59
CA PHE A 234 8.07 11.13 -3.43
C PHE A 234 6.66 11.09 -2.88
N ILE A 235 5.92 10.03 -3.18
CA ILE A 235 4.56 9.87 -2.66
C ILE A 235 4.66 8.94 -1.46
N PRO A 236 4.44 9.46 -0.26
CA PRO A 236 4.52 8.63 0.95
C PRO A 236 3.57 7.46 1.12
N MET A 237 2.33 7.58 0.61
CA MET A 237 1.32 6.52 0.77
C MET A 237 1.84 5.07 0.74
N PRO A 238 2.47 4.65 -0.37
CA PRO A 238 2.97 3.26 -0.42
C PRO A 238 3.77 2.94 0.85
N LEU A 239 4.80 3.75 1.11
CA LEU A 239 5.64 3.59 2.29
C LEU A 239 4.81 3.59 3.58
N ASP A 240 3.71 4.32 3.60
CA ASP A 240 2.87 4.36 4.80
C ASP A 240 2.24 3.02 5.13
N TYR A 241 2.09 2.15 4.13
CA TYR A 241 1.54 0.83 4.41
C TYR A 241 2.65 -0.19 4.59
N ILE A 242 3.54 -0.26 3.59
CA ILE A 242 4.65 -1.21 3.56
C ILE A 242 5.57 -1.17 4.79
N LEU A 243 6.16 -0.01 5.07
CA LEU A 243 7.07 0.13 6.21
C LEU A 243 6.54 -0.42 7.53
N PRO A 244 5.30 -0.08 7.92
CA PRO A 244 4.85 -0.65 9.20
C PRO A 244 4.65 -2.15 9.13
N GLU A 245 4.42 -2.69 7.93
CA GLU A 245 4.26 -4.13 7.82
C GLU A 245 5.64 -4.77 7.96
N LEU A 246 6.63 -4.20 7.29
CA LEU A 246 7.97 -4.74 7.36
C LEU A 246 8.56 -4.55 8.76
N LEU A 247 8.31 -3.39 9.38
CA LEU A 247 8.85 -3.13 10.72
C LEU A 247 8.23 -4.00 11.81
N LYS A 248 6.96 -4.36 11.67
CA LYS A 248 6.33 -5.20 12.67
C LYS A 248 6.90 -6.61 12.56
N ASN A 249 7.14 -7.07 11.33
CA ASN A 249 7.70 -8.41 11.10
C ASN A 249 9.11 -8.54 11.69
N ALA A 250 9.96 -7.57 11.37
CA ALA A 250 11.34 -7.55 11.85
C ALA A 250 11.38 -7.56 13.37
N MET A 251 10.52 -6.75 14.00
CA MET A 251 10.49 -6.67 15.46
C MET A 251 9.90 -7.94 16.08
N ARG A 252 8.90 -8.52 15.43
CA ARG A 252 8.28 -9.73 15.96
C ARG A 252 9.27 -10.89 15.94
N ALA A 253 9.90 -11.12 14.79
CA ALA A 253 10.88 -12.19 14.64
C ALA A 253 11.95 -12.06 15.73
N THR A 254 12.40 -10.83 15.97
CA THR A 254 13.40 -10.57 16.98
C THR A 254 12.94 -10.99 18.39
N MET A 255 11.72 -10.60 18.76
CA MET A 255 11.20 -10.95 20.08
C MET A 255 10.94 -12.44 20.22
N GLU A 256 10.30 -13.04 19.22
CA GLU A 256 9.99 -14.47 19.23
C GLU A 256 11.22 -15.37 19.32
N SER A 257 12.39 -14.81 19.04
CA SER A 257 13.64 -15.57 19.08
C SER A 257 14.53 -15.13 20.24
N HIS A 258 13.95 -14.41 21.20
CA HIS A 258 14.69 -13.96 22.37
C HIS A 258 13.77 -13.92 23.58
N LEU A 259 12.91 -14.94 23.66
CA LEU A 259 11.96 -15.07 24.76
C LEU A 259 12.63 -15.17 26.12
N ASP A 260 13.91 -15.54 26.12
CA ASP A 260 14.67 -15.69 27.36
C ASP A 260 15.33 -14.38 27.80
N THR A 261 15.38 -13.40 26.91
CA THR A 261 15.99 -12.11 27.25
C THR A 261 15.29 -10.92 26.58
N PRO A 262 13.96 -10.84 26.72
CA PRO A 262 13.19 -9.75 26.11
C PRO A 262 13.70 -8.35 26.42
N TYR A 263 14.39 -8.21 27.55
CA TYR A 263 14.93 -6.93 27.99
C TYR A 263 16.23 -6.55 27.30
N ASN A 264 16.78 -7.46 26.49
CA ASN A 264 18.03 -7.18 25.78
C ASN A 264 18.05 -7.95 24.46
N VAL A 265 17.61 -7.29 23.40
CA VAL A 265 17.55 -7.94 22.09
C VAL A 265 18.34 -7.21 21.02
N PRO A 266 18.69 -7.91 19.94
CA PRO A 266 19.45 -7.34 18.82
C PRO A 266 18.69 -6.23 18.11
N ASP A 267 19.38 -5.13 17.81
CA ASP A 267 18.77 -4.02 17.11
C ASP A 267 18.30 -4.49 15.73
N VAL A 268 17.39 -3.71 15.16
CA VAL A 268 16.91 -3.95 13.81
C VAL A 268 17.71 -2.88 13.07
N VAL A 269 18.35 -3.24 11.97
CA VAL A 269 19.16 -2.26 11.25
C VAL A 269 18.62 -1.95 9.85
N ILE A 270 18.40 -0.68 9.58
CA ILE A 270 17.87 -0.25 8.30
C ILE A 270 18.87 0.57 7.55
N THR A 271 19.01 0.29 6.25
CA THR A 271 19.95 1.03 5.43
C THR A 271 19.21 1.68 4.26
N ILE A 272 19.47 2.95 4.04
CA ILE A 272 18.86 3.71 2.95
C ILE A 272 19.85 3.93 1.82
N ALA A 273 19.48 3.51 0.61
CA ALA A 273 20.32 3.72 -0.56
C ALA A 273 19.46 4.52 -1.53
N ASN A 274 19.93 5.72 -1.84
CA ASN A 274 19.23 6.61 -2.73
C ASN A 274 20.11 6.96 -3.93
N ASN A 275 19.65 6.58 -5.11
CA ASN A 275 20.39 6.86 -6.33
C ASN A 275 19.42 7.50 -7.33
N ASP A 276 19.86 7.71 -8.56
CA ASP A 276 18.98 8.35 -9.53
C ASP A 276 17.85 7.50 -10.06
N VAL A 277 18.02 6.17 -10.05
CA VAL A 277 16.98 5.28 -10.55
C VAL A 277 15.93 4.96 -9.49
N ASP A 278 16.37 4.60 -8.28
CA ASP A 278 15.41 4.25 -7.24
C ASP A 278 15.87 4.45 -5.81
N LEU A 279 14.91 4.23 -4.91
CA LEU A 279 15.12 4.32 -3.48
C LEU A 279 15.08 2.89 -2.96
N ILE A 280 16.12 2.52 -2.21
CA ILE A 280 16.20 1.19 -1.62
C ILE A 280 16.30 1.28 -0.12
N ILE A 281 15.39 0.61 0.56
CA ILE A 281 15.39 0.56 2.01
C ILE A 281 15.57 -0.90 2.40
N ARG A 282 16.69 -1.22 3.06
CA ARG A 282 16.91 -2.59 3.50
C ARG A 282 16.69 -2.71 4.99
N ILE A 283 15.86 -3.66 5.39
CA ILE A 283 15.54 -3.86 6.80
C ILE A 283 16.07 -5.20 7.27
N SER A 284 17.10 -5.18 8.11
CA SER A 284 17.72 -6.41 8.61
C SER A 284 17.46 -6.69 10.08
N ASP A 285 17.01 -7.90 10.38
CA ASP A 285 16.76 -8.30 11.77
C ASP A 285 17.63 -9.51 12.09
N ARG A 286 17.80 -9.79 13.39
CA ARG A 286 18.59 -10.94 13.81
C ARG A 286 17.65 -11.87 14.55
N GLY A 287 16.49 -12.11 13.94
CA GLY A 287 15.49 -12.95 14.56
C GLY A 287 15.42 -14.41 14.16
N GLY A 288 16.52 -15.00 13.71
CA GLY A 288 16.48 -16.41 13.34
C GLY A 288 16.18 -16.75 11.89
N GLY A 289 15.76 -15.76 11.11
CA GLY A 289 15.46 -16.01 9.70
C GLY A 289 14.17 -16.78 9.47
N ILE A 290 13.87 -17.01 8.20
CA ILE A 290 12.66 -17.74 7.82
C ILE A 290 13.08 -19.14 7.43
N ALA A 291 12.61 -20.11 8.21
CA ALA A 291 12.92 -21.53 7.99
C ALA A 291 12.71 -21.99 6.55
N HIS A 292 13.63 -22.84 6.08
CA HIS A 292 13.55 -23.38 4.73
C HIS A 292 12.15 -23.93 4.44
N LYS A 293 11.58 -24.66 5.40
CA LYS A 293 10.26 -25.26 5.24
C LYS A 293 9.12 -24.24 5.06
N ASP A 294 9.38 -22.97 5.36
CA ASP A 294 8.35 -21.96 5.23
C ASP A 294 8.61 -20.92 4.15
N LEU A 295 9.81 -20.92 3.58
CA LEU A 295 10.17 -19.95 2.56
C LEU A 295 9.13 -19.68 1.47
N ASP A 296 8.23 -20.63 1.23
CA ASP A 296 7.21 -20.45 0.21
C ASP A 296 5.97 -19.75 0.74
N ARG A 297 5.40 -20.29 1.82
CA ARG A 297 4.20 -19.74 2.43
C ARG A 297 4.32 -18.34 3.04
N VAL A 298 5.54 -17.79 3.12
CA VAL A 298 5.70 -16.45 3.69
C VAL A 298 5.10 -15.38 2.80
N MET A 299 5.25 -15.57 1.49
CA MET A 299 4.73 -14.60 0.52
C MET A 299 3.29 -14.86 0.09
N ASP A 300 2.62 -15.77 0.79
CA ASP A 300 1.22 -16.09 0.48
C ASP A 300 0.32 -15.41 1.51
N TYR A 301 -0.96 -15.31 1.20
CA TYR A 301 -1.91 -14.69 2.12
C TYR A 301 -2.43 -15.70 3.14
N HIS A 302 -2.59 -15.26 4.39
CA HIS A 302 -3.09 -16.11 5.46
C HIS A 302 -4.26 -15.43 6.16
N PHE A 303 -5.43 -15.49 5.51
CA PHE A 303 -6.65 -14.88 6.02
C PHE A 303 -7.24 -15.60 7.22
N GLY A 337 -1.59 -13.65 7.50
CA GLY A 337 -0.45 -12.95 6.96
C GLY A 337 -0.78 -12.27 5.64
N PHE A 338 -1.02 -10.96 5.69
CA PHE A 338 -1.33 -10.18 4.51
C PHE A 338 -0.25 -9.15 4.21
N GLY A 339 0.47 -8.75 5.26
CA GLY A 339 1.52 -7.76 5.12
C GLY A 339 2.57 -7.96 4.03
N LEU A 340 3.26 -9.09 4.05
CA LEU A 340 4.30 -9.35 3.05
C LEU A 340 3.79 -9.47 1.62
N PRO A 341 2.77 -10.31 1.39
CA PRO A 341 2.25 -10.45 0.03
C PRO A 341 1.65 -9.14 -0.50
N THR A 342 0.92 -8.43 0.35
CA THR A 342 0.34 -7.16 -0.07
C THR A 342 1.46 -6.16 -0.40
N SER A 343 2.48 -6.10 0.44
CA SER A 343 3.60 -5.19 0.24
C SER A 343 4.34 -5.46 -1.07
N ARG A 344 4.53 -6.72 -1.42
CA ARG A 344 5.22 -7.03 -2.66
C ARG A 344 4.36 -6.62 -3.84
N ALA A 345 3.06 -6.82 -3.71
CA ALA A 345 2.13 -6.44 -4.79
C ALA A 345 2.27 -4.92 -4.98
N TYR A 346 2.11 -4.19 -3.88
CA TYR A 346 2.24 -2.72 -3.93
C TYR A 346 3.54 -2.32 -4.61
N ALA A 347 4.67 -2.87 -4.13
CA ALA A 347 5.96 -2.50 -4.71
C ALA A 347 6.04 -2.80 -6.19
N GLU A 348 5.55 -3.97 -6.60
CA GLU A 348 5.64 -4.33 -8.01
C GLU A 348 4.73 -3.46 -8.86
N TYR A 349 3.57 -3.11 -8.30
CA TYR A 349 2.61 -2.25 -9.00
C TYR A 349 3.23 -0.87 -9.30
N LEU A 350 4.11 -0.41 -8.41
CA LEU A 350 4.72 0.90 -8.57
C LEU A 350 6.05 0.89 -9.31
N GLY A 351 6.41 -0.25 -9.86
CA GLY A 351 7.66 -0.32 -10.59
C GLY A 351 8.84 -0.77 -9.75
N GLY A 352 8.59 -1.16 -8.50
CA GLY A 352 9.69 -1.60 -7.64
C GLY A 352 9.67 -3.10 -7.38
N SER A 353 10.10 -3.50 -6.18
CA SER A 353 10.15 -4.90 -5.80
C SER A 353 10.35 -5.07 -4.31
N LEU A 354 10.15 -6.28 -3.84
CA LEU A 354 10.31 -6.63 -2.45
C LEU A 354 10.95 -8.00 -2.43
N GLN A 355 12.23 -8.05 -2.04
CA GLN A 355 12.97 -9.30 -1.98
C GLN A 355 13.45 -9.66 -0.58
N LEU A 356 13.36 -10.95 -0.25
CA LEU A 356 13.79 -11.43 1.04
C LEU A 356 15.04 -12.30 0.92
N GLN A 357 15.96 -12.14 1.85
CA GLN A 357 17.18 -12.94 1.93
C GLN A 357 17.15 -13.55 3.33
N SER A 358 16.94 -14.85 3.42
CA SER A 358 16.89 -15.51 4.72
C SER A 358 18.20 -16.20 5.09
N LEU A 359 18.66 -15.94 6.31
CA LEU A 359 19.86 -16.58 6.83
C LEU A 359 19.36 -17.41 8.00
N GLN A 360 18.90 -18.62 7.70
CA GLN A 360 18.36 -19.52 8.70
C GLN A 360 19.33 -19.76 9.84
N GLY A 361 18.83 -19.49 11.05
CA GLY A 361 19.63 -19.64 12.24
C GLY A 361 20.14 -18.29 12.72
N ILE A 362 20.12 -17.31 11.83
CA ILE A 362 20.59 -15.96 12.18
C ILE A 362 19.53 -14.86 12.09
N GLY A 363 19.03 -14.63 10.87
CA GLY A 363 18.04 -13.59 10.68
C GLY A 363 17.55 -13.43 9.26
N THR A 364 16.93 -12.27 9.00
CA THR A 364 16.39 -12.00 7.69
C THR A 364 16.70 -10.60 7.20
N ASP A 365 16.99 -10.49 5.92
CA ASP A 365 17.22 -9.21 5.28
C ASP A 365 16.07 -8.98 4.27
N VAL A 366 15.38 -7.85 4.38
CA VAL A 366 14.29 -7.51 3.46
C VAL A 366 14.68 -6.27 2.65
N TYR A 367 14.59 -6.37 1.34
CA TYR A 367 14.94 -5.28 0.44
C TYR A 367 13.73 -4.66 -0.27
N LEU A 368 13.39 -3.43 0.10
CA LEU A 368 12.29 -2.71 -0.51
C LEU A 368 12.83 -1.73 -1.54
N ARG A 369 12.50 -1.92 -2.81
CA ARG A 369 12.92 -1.01 -3.87
C ARG A 369 11.70 -0.29 -4.49
N LEU A 370 11.79 1.03 -4.58
CA LEU A 370 10.72 1.84 -5.17
C LEU A 370 11.37 2.82 -6.13
N ARG A 371 10.83 2.88 -7.34
CA ARG A 371 11.35 3.76 -8.38
C ARG A 371 11.05 5.23 -8.06
N HIS A 372 11.96 6.13 -8.45
CA HIS A 372 11.75 7.55 -8.19
C HIS A 372 10.66 8.17 -9.08
N ILE A 373 10.14 9.30 -8.62
CA ILE A 373 9.08 10.05 -9.31
C ILE A 373 9.51 10.52 -10.70
N ASP A 374 8.76 10.09 -11.71
CA ASP A 374 8.98 10.41 -13.12
C ASP A 374 10.36 10.97 -13.47
N GLY A 375 11.40 10.44 -12.83
CA GLY A 375 12.74 10.93 -13.11
C GLY A 375 13.87 10.32 -12.31
N ARG A 376 14.75 11.17 -11.80
CA ARG A 376 15.92 10.76 -11.03
C ARG A 376 16.40 11.84 -10.07
N GLU A 377 16.23 11.63 -8.76
CA GLU A 377 16.69 12.62 -7.80
C GLU A 377 17.28 11.98 -6.54
N GLU A 378 17.91 12.82 -5.71
CA GLU A 378 18.54 12.38 -4.48
C GLU A 378 18.50 13.46 -3.40
#